data_2N9F
#
_entry.id   2N9F
#
loop_
_entity.id
_entity.type
_entity.pdbx_description
1 polymer "DNA (5'-D(*CP*TP*AP*GP*CP*GP*GP*TP*CP*AP*TP*C)-3')"
2 polymer "DNA (5'-D(*GP*AP*TP*GP*AP*CP*(4JA)P*GP*CP*TP*AP*G)-3')"
#
loop_
_entity_poly.entity_id
_entity_poly.type
_entity_poly.pdbx_seq_one_letter_code
_entity_poly.pdbx_strand_id
1 'polydeoxyribonucleotide' (DC)(DT)(DA)(DG)(DC)(DG)(DG)(DT)(DC)(DA)(DT)(DC) A
2 'polydeoxyribonucleotide' (DG)(DA)(DT)(DG)(DA)(DC)(4JA)(DG)(DC)(DT)(DA)(DG) B
#
loop_
_chem_comp.id
_chem_comp.type
_chem_comp.name
_chem_comp.formula
4JA D-saccharide '(2S)-3-[(6-deoxy-beta-D-glucopyranosyl)oxy]-2-hydroxypropyl dihydrogen phosphate' 'C9 H19 O10 P'
DA DNA linking 2'-DEOXYADENOSINE-5'-MONOPHOSPHATE 'C10 H14 N5 O6 P'
DC DNA linking 2'-DEOXYCYTIDINE-5'-MONOPHOSPHATE 'C9 H14 N3 O7 P'
DG DNA linking 2'-DEOXYGUANOSINE-5'-MONOPHOSPHATE 'C10 H14 N5 O7 P'
DT DNA linking THYMIDINE-5'-MONOPHOSPHATE 'C10 H15 N2 O8 P'
#
# COMPACT_ATOMS: atom_id res chain seq x y z
P 4JA B 7 -2.76 -4.54 -2.71
O2 4JA B 7 1.32 1.21 -0.86
O3 4JA B 7 0.11 3.52 -2.03
O4 4JA B 7 -2.57 4.18 -0.97
O5 4JA B 7 -2.28 0.53 -0.57
C1 4JA B 7 -0.89 0.46 -0.13
C2 4JA B 7 -0.09 1.27 -1.15
C3 4JA B 7 -0.59 2.72 -1.06
C4 4JA B 7 -2.12 2.85 -1.30
C5 4JA B 7 -2.90 1.84 -0.43
C6 4JA B 7 -4.36 1.62 -0.81
OP1 4JA B 7 -1.81 -5.64 -2.94
OP2 4JA B 7 -4.21 -4.76 -2.90
O5' 4JA B 7 -2.50 -3.90 -1.25
C5' 4JA B 7 -1.16 -3.65 -0.83
C3' 4JA B 7 -1.05 -3.20 0.63
C2' 4JA B 7 -1.22 -1.68 0.81
O1 4JA B 7 -0.43 -0.92 -0.10
O3' 4JA B 7 0.21 -3.70 1.10
HO2 4JA B 7 1.49 0.42 -0.34
HO3 4JA B 7 0.60 2.92 -2.62
HO4 4JA B 7 -2.51 4.79 -1.72
H1 4JA B 7 -0.78 0.89 0.86
H2 4JA B 7 -0.26 0.87 -2.16
H3 4JA B 7 -0.36 3.11 -0.07
H4 4JA B 7 -2.34 2.64 -2.35
H5 4JA B 7 -2.83 2.15 0.62
H61 4JA B 7 -4.87 2.58 -0.93
H62 4JA B 7 -4.41 1.04 -1.73
H63 4JA B 7 -4.84 1.04 -0.02
H5'' 4JA B 7 -0.70 -2.91 -1.49
H5' 4JA B 7 -0.62 -4.58 -0.93
H3' 4JA B 7 -1.86 -3.66 1.20
H2'' 4JA B 7 -2.28 -1.49 0.64
H2' 4JA B 7 -1.01 -1.38 1.82
P 4JA B 7 -0.24 -4.88 -2.14
O2 4JA B 7 1.93 0.12 -0.20
O3 4JA B 7 1.50 2.45 -1.62
O4 4JA B 7 -1.05 3.88 -0.95
O5 4JA B 7 -1.74 0.31 -0.29
C1 4JA B 7 -0.45 -0.05 0.31
C2 4JA B 7 0.61 0.49 -0.65
C3 4JA B 7 0.50 2.01 -0.69
C4 4JA B 7 -0.91 2.46 -1.14
C5 4JA B 7 -2.02 1.75 -0.33
C6 4JA B 7 -3.42 1.86 -0.89
OP1 4JA B 7 1.14 -5.38 -2.33
OP2 4JA B 7 -1.38 -5.78 -2.43
O5' 4JA B 7 -0.37 -4.35 -0.63
C5' 4JA B 7 -1.63 -4.23 0.01
C3' 4JA B 7 -1.55 -3.52 1.37
C2' 4JA B 7 -1.41 -2.00 1.26
O1 4JA B 7 -0.35 -1.51 0.45
O3' 4JA B 7 -0.58 -4.15 2.22
HO2 4JA B 7 1.86 -0.74 0.24
HO3 4JA B 7 2.17 1.76 -1.62
HO4 4JA B 7 -1.92 4.16 -1.27
H1 4JA B 7 -0.36 0.41 1.28
H2 4JA B 7 0.45 0.08 -1.65
H3 4JA B 7 0.73 2.42 0.29
H4 4JA B 7 -1.04 2.22 -2.20
H5 4JA B 7 -2.01 2.12 0.69
H61 4JA B 7 -3.82 2.86 -0.73
H62 4JA B 7 -3.43 1.64 -1.96
H63 4JA B 7 -4.06 1.13 -0.38
H5'' 4JA B 7 -2.04 -5.24 0.16
H5' 4JA B 7 -2.32 -3.68 -0.62
H3' 4JA B 7 -2.53 -3.66 1.84
H2'' 4JA B 7 -2.36 -1.66 0.85
H2' 4JA B 7 -1.33 -1.56 2.25
P 4JA B 7 0.42 -4.77 -2.50
O2 4JA B 7 2.59 0.12 -0.12
O3 4JA B 7 2.02 2.56 -1.49
O4 4JA B 7 -0.50 3.85 -0.74
O5 4JA B 7 -1.10 0.26 -0.25
C1 4JA B 7 0.19 -0.15 0.32
C2 4JA B 7 1.26 0.48 -0.58
C3 4JA B 7 1.08 2.01 -0.55
C4 4JA B 7 -0.34 2.44 -0.96
C5 4JA B 7 -1.40 1.68 -0.15
C6 4JA B 7 -2.83 1.81 -0.66
OP1 4JA B 7 1.83 -5.16 -2.75
OP2 4JA B 7 -0.66 -5.75 -2.80
O5' 4JA B 7 0.29 -4.25 -0.98
C5' 4JA B 7 -0.92 -4.33 -0.26
C3' 4JA B 7 -0.85 -3.66 1.12
C2' 4JA B 7 -0.83 -2.14 1.02
O1 4JA B 7 0.28 -1.60 0.30
O3' 4JA B 7 0.20 -4.20 1.91
HO2 4JA B 7 2.64 -0.84 -0.03
HO3 4JA B 7 2.48 1.83 -1.93
HO4 4JA B 7 -1.40 4.13 -0.97
H1 4JA B 7 0.28 0.21 1.34
H2 4JA B 7 1.14 0.11 -1.61
H3 4JA B 7 1.30 2.38 0.45
H4 4JA B 7 -0.50 2.21 -2.00
H5 4JA B 7 -1.37 1.98 0.89
H61 4JA B 7 -3.50 1.98 0.19
H62 4JA B 7 -2.92 2.65 -1.36
H63 4JA B 7 -3.16 0.88 -1.15
H5'' 4JA B 7 -1.18 -5.38 -0.13
H5' 4JA B 7 -1.72 -3.86 -0.84
H3' 4JA B 7 -1.80 -3.87 1.61
H2'' 4JA B 7 -1.76 -1.86 0.52
H2' 4JA B 7 -0.86 -1.70 2.02
P 4JA B 7 0.08 -4.45 -1.77
O2 4JA B 7 2.16 0.68 0.45
O3 4JA B 7 1.60 2.78 -1.27
O4 4JA B 7 -1.08 4.04 -0.82
O5 4JA B 7 -1.50 0.50 0.06
C1 4JA B 7 -0.23 0.27 0.76
C2 4JA B 7 0.86 0.84 -0.14
C3 4JA B 7 0.60 2.33 -0.34
C4 4JA B 7 -0.81 2.63 -0.89
C5 4JA B 7 -1.88 1.91 -0.05
C6 4JA B 7 -3.28 1.91 -0.64
OP1 4JA B 7 1.46 -4.93 -1.95
OP2 4JA B 7 -1.06 -5.35 -2.05
O5' 4JA B 7 -0.06 -3.86 -0.28
C5' 4JA B 7 -1.30 -3.78 0.39
C3' 4JA B 7 -1.18 -3.20 1.82
C2' 4JA B 7 -1.04 -1.68 1.82
O1 4JA B 7 -0.02 -1.16 0.98
O3' 4JA B 7 -0.18 -3.90 2.55
HO2 4JA B 7 2.18 -0.17 0.90
HO3 4JA B 7 2.37 2.20 -1.12
HO4 4JA B 7 -2.00 4.21 -1.05
H1 4JA B 7 -0.23 0.79 1.71
H2 4JA B 7 0.86 0.33 -1.11
H3 4JA B 7 0.75 2.86 0.61
H4 4JA B 7 -0.88 2.29 -1.91
H5 4JA B 7 -1.92 2.32 0.94
H61 4JA B 7 -3.88 1.12 -0.19
H62 4JA B 7 -3.77 2.87 -0.44
H63 4JA B 7 -3.25 1.75 -1.72
H5'' 4JA B 7 -1.72 -4.79 0.47
H5' 4JA B 7 -2.00 -3.17 -0.18
H3' 4JA B 7 -2.14 -3.40 2.30
H2'' 4JA B 7 -2.01 -1.30 1.51
H2' 4JA B 7 -0.88 -1.32 2.84
P 4JA B 7 -0.25 -4.35 -1.82
O2 4JA B 7 1.89 0.50 0.48
O3 4JA B 7 1.19 2.71 -1.28
O4 4JA B 7 -1.46 3.84 -0.73
O5 4JA B 7 -1.78 0.33 0.33
C1 4JA B 7 -0.46 0.10 0.90
C2 4JA B 7 0.58 0.68 -0.07
C3 4JA B 7 0.30 2.19 -0.27
C4 4JA B 7 -1.16 2.43 -0.74
C5 4JA B 7 -2.17 1.73 0.18
C6 4JA B 7 -3.61 1.69 -0.33
OP1 4JA B 7 1.13 -4.72 -2.20
OP2 4JA B 7 -1.38 -5.25 -2.15
O5' 4JA B 7 -0.27 -4.01 -0.24
C5' 4JA B 7 -1.47 -4.01 0.52
C3' 4JA B 7 -1.28 -3.45 1.94
C2' 4JA B 7 -1.19 -1.91 1.95
O1 4JA B 7 -0.22 -1.33 1.09
O3' 4JA B 7 -0.22 -4.12 2.63
HO2 4JA B 7 1.90 -0.34 0.97
HO3 4JA B 7 1.46 1.99 -1.87
HO4 4JA B 7 -2.41 3.96 -0.84
H1 4JA B 7 -0.37 0.60 1.87
H2 4JA B 7 0.52 0.16 -1.02
H3 4JA B 7 0.47 2.72 0.66
H4 4JA B 7 -1.28 2.04 -1.74
H5 4JA B 7 -2.15 2.19 1.16
H61 4JA B 7 -4.26 2.19 0.39
H62 4JA B 7 -3.69 2.19 -1.30
H63 4JA B 7 -3.94 0.66 -0.44
H5'' 4JA B 7 -1.83 -5.04 0.59
H5' 4JA B 7 -2.23 -3.43 0.00
H3' 4JA B 7 -2.22 -3.66 2.46
H2'' 4JA B 7 -2.18 -1.57 1.65
H2' 4JA B 7 -1.04 -1.55 2.97
P 4JA B 7 0.07 -4.23 -2.20
O2 4JA B 7 2.24 0.86 0.35
O3 4JA B 7 1.53 3.16 -1.36
O4 4JA B 7 -1.06 4.29 -0.78
O5 4JA B 7 -1.44 0.70 -0.05
C1 4JA B 7 -0.16 0.41 0.60
C2 4JA B 7 0.94 1.06 -0.26
C3 4JA B 7 0.63 2.57 -0.39
C4 4JA B 7 -0.81 2.86 -0.87
C5 4JA B 7 -1.85 2.11 -0.05
C6 4JA B 7 -3.27 2.11 -0.62
OP1 4JA B 7 1.44 -4.73 -2.42
OP2 4JA B 7 -1.09 -5.09 -2.49
O5' 4JA B 7 -0.03 -3.69 -0.68
C5' 4JA B 7 -1.25 -3.64 0.02
C3' 4JA B 7 -1.09 -3.12 1.46
C2' 4JA B 7 -0.98 -1.60 1.53
O1 4JA B 7 0.03 -1.04 0.70
O3' 4JA B 7 -0.05 -3.83 2.14
HO2 4JA B 7 2.44 -0.10 0.35
HO3 4JA B 7 1.26 2.87 -2.26
HO4 4JA B 7 -2.00 4.46 -0.96
H1 4JA B 7 -0.16 0.84 1.60
H2 4JA B 7 0.97 0.60 -1.26
H3 4JA B 7 0.78 3.04 0.59
H4 4JA B 7 -0.90 2.55 -1.91
H5 4JA B 7 -1.86 2.46 0.97
H61 4JA B 7 -3.89 1.43 0.01
H62 4JA B 7 -3.68 3.12 -0.58
H63 4JA B 7 -3.26 1.72 -1.66
H5'' 4JA B 7 -1.68 -4.65 0.06
H5' 4JA B 7 -1.95 -3.00 -0.51
H3' 4JA B 7 -2.04 -3.36 1.96
H2'' 4JA B 7 -1.96 -1.22 1.24
H2' 4JA B 7 -0.81 -1.27 2.56
P 4JA B 7 0.48 -4.39 -2.03
O2 4JA B 7 3.70 0.96 1.78
O3 4JA B 7 3.49 3.18 -0.34
O4 4JA B 7 0.72 4.29 0.32
O5 4JA B 7 0.30 0.77 0.35
C1 4JA B 7 1.32 0.57 1.38
C2 4JA B 7 2.63 1.15 0.82
C3 4JA B 7 2.44 2.66 0.53
C4 4JA B 7 1.09 2.99 -0.13
C5 4JA B 7 -0.11 2.15 0.29
C6 4JA B 7 -1.33 2.24 -0.61
OP1 4JA B 7 1.86 -4.93 -2.17
OP2 4JA B 7 -0.57 -5.16 -2.73
O5' 4JA B 7 0.08 -4.16 -0.46
C5' 4JA B 7 0.53 -3.01 0.25
C3' 4JA B 7 0.16 -2.89 1.75
C2' 4JA B 7 0.22 -1.40 2.10
O1 4JA B 7 1.44 -0.84 1.63
O3' 4JA B 7 1.06 -3.65 2.55
HO2 4JA B 7 3.33 0.64 2.63
HO3 4JA B 7 4.21 3.54 0.18
HO4 4JA B 7 1.48 4.87 0.27
H1 4JA B 7 1.04 1.06 2.31
H2 4JA B 7 2.88 0.61 -0.10
H3 4JA B 7 2.53 3.21 1.46
H4 4JA B 7 1.16 2.95 -1.22
H5 4JA B 7 -0.45 2.45 1.29
H61 4JA B 7 -1.13 1.78 -1.58
H62 4JA B 7 -2.17 1.73 -0.15
H63 4JA B 7 -1.60 3.29 -0.77
H5'' 4JA B 7 0.10 -2.13 -0.24
H5' 4JA B 7 1.61 -2.92 0.16
H3' 4JA B 7 -0.86 -3.23 1.91
H2'' 4JA B 7 -0.65 -0.93 1.65
H2' 4JA B 7 0.14 -1.20 3.17
P 4JA B 7 0.31 -4.02 -2.05
O2 4JA B 7 4.71 1.11 1.90
O3 4JA B 7 4.93 3.09 -0.13
O4 4JA B 7 2.55 4.51 -0.71
O5 4JA B 7 1.30 1.24 0.39
C1 4JA B 7 2.28 0.86 1.41
C2 4JA B 7 3.68 1.27 0.88
C3 4JA B 7 3.66 2.75 0.48
C4 4JA B 7 2.55 3.09 -0.51
C5 4JA B 7 1.23 2.66 0.08
C6 4JA B 7 0.07 2.77 -0.90
OP1 4JA B 7 1.67 -4.57 -2.34
OP2 4JA B 7 -0.85 -4.83 -2.46
O5' 4JA B 7 0.16 -3.63 -0.49
C5' 4JA B 7 0.94 -2.61 0.11
C3' 4JA B 7 0.63 -2.45 1.61
C2' 4JA B 7 0.94 -1.00 2.04
O1 4JA B 7 2.24 -0.58 1.62
O3' 4JA B 7 1.38 -3.39 2.36
HO2 4JA B 7 4.34 0.62 2.65
HO3 4JA B 7 5.62 2.81 0.48
HO4 4JA B 7 3.47 4.76 -0.88
H1 4JA B 7 2.07 1.37 2.34
H2 4JA B 7 3.93 0.65 0.02
H3 4JA B 7 3.56 3.36 1.38
H4 4JA B 7 2.73 2.59 -1.45
H5 4JA B 7 1.00 3.22 0.98
H61 4JA B 7 0.14 1.97 -1.64
H62 4JA B 7 -0.90 2.66 -0.38
H63 4JA B 7 0.08 3.72 -1.43
H5'' 4JA B 7 0.74 -1.66 -0.39
H5' 4JA B 7 2.00 -2.85 -0.01
H3' 4JA B 7 -0.43 -2.63 1.77
H2'' 4JA B 7 0.15 -0.39 1.61
H2' 4JA B 7 0.86 -0.90 3.12
P 4JA B 7 -0.32 -3.94 -1.89
O2 4JA B 7 4.20 1.35 1.28
O3 4JA B 7 4.21 3.27 -0.86
O4 4JA B 7 1.82 4.71 -1.18
O5 4JA B 7 0.66 1.51 0.20
C1 4JA B 7 1.77 1.14 1.09
C2 4JA B 7 3.07 1.53 0.38
C3 4JA B 7 3.04 2.99 -0.06
C4 4JA B 7 1.80 3.31 -0.90
C5 4JA B 7 0.55 2.94 -0.10
C6 4JA B 7 -0.80 3.13 -0.79
OP1 4JA B 7 1.03 -4.45 -2.18
OP2 4JA B 7 -1.52 -4.69 -2.28
O5' 4JA B 7 -0.41 -3.47 -0.36
C5' 4JA B 7 0.50 -2.51 0.15
C3' 4JA B 7 0.31 -2.25 1.65
C2' 4JA B 7 0.58 -0.77 1.95
O1 4JA B 7 1.78 -0.30 1.33
O3' 4JA B 7 1.14 -3.12 2.41
HO2 4JA B 7 3.97 0.68 1.94
HO3 4JA B 7 4.97 2.99 -0.34
HO4 4JA B 7 2.72 4.91 -1.49
H1 4JA B 7 1.68 1.67 2.03
H2 4JA B 7 3.22 0.88 -0.49
H3 4JA B 7 3.06 3.64 0.81
H4 4JA B 7 1.82 2.75 -1.84
H5 4JA B 7 0.54 3.49 0.84
H61 4JA B 7 -1.43 2.26 -0.63
H62 4JA B 7 -1.30 4.00 -0.40
H63 4JA B 7 -0.66 3.26 -1.86
H5'' 4JA B 7 0.34 -1.58 -0.39
H5' 4JA B 7 1.52 -2.83 -0.03
H3' 4JA B 7 -0.74 -2.44 1.90
H2'' 4JA B 7 -0.27 -0.21 1.57
H2' 4JA B 7 0.62 -0.59 3.01
P 4JA B 7 -0.39 -3.80 -1.56
O2 4JA B 7 4.36 1.27 1.77
O3 4JA B 7 4.46 3.13 -0.37
O4 4JA B 7 2.08 4.47 -0.99
O5 4JA B 7 0.86 1.38 0.60
C1 4JA B 7 1.95 1.04 1.51
C2 4JA B 7 3.28 1.40 0.82
C3 4JA B 7 3.25 2.84 0.33
C4 4JA B 7 2.06 3.08 -0.62
C5 4JA B 7 0.76 2.76 0.14
C6 4JA B 7 -0.51 2.83 -0.68
OP1 4JA B 7 0.96 -4.28 -1.92
OP2 4JA B 7 -1.58 -4.63 -1.87
O5' 4JA B 7 -0.42 -3.41 0.00
C5' 4JA B 7 0.48 -2.45 0.52
C3' 4JA B 7 0.39 -2.29 2.04
C2' 4JA B 7 0.75 -0.84 2.41
O1 4JA B 7 1.96 -0.40 1.79
O3' 4JA B 7 1.22 -3.24 2.69
HO2 4JA B 7 4.17 0.53 2.35
HO3 4JA B 7 5.19 2.82 0.18
HO4 4JA B 7 2.99 4.66 -1.26
H1 4JA B 7 1.85 1.59 2.44
H2 4JA B 7 3.45 0.72 -0.01
H3 4JA B 7 3.17 3.52 1.18
H4 4JA B 7 2.14 2.46 -1.50
H5 4JA B 7 0.68 3.43 1.00
H61 4JA B 7 -1.37 2.90 -0.02
H62 4JA B 7 -0.51 3.69 -1.35
H63 4JA B 7 -0.61 1.93 -1.29
H5'' 4JA B 7 0.24 -1.49 0.05
H5' 4JA B 7 1.50 -2.71 0.24
H3' 4JA B 7 -0.65 -2.45 2.34
H2'' 4JA B 7 -0.09 -0.22 2.10
H2' 4JA B 7 0.84 -0.73 3.47
#